data_6K37
#
_entry.id   6K37
#
_cell.length_a   70.414
_cell.length_b   70.414
_cell.length_c   98.778
_cell.angle_alpha   90.00
_cell.angle_beta   90.00
_cell.angle_gamma   120.00
#
_symmetry.space_group_name_H-M   'P 31 2 1'
#
loop_
_entity.id
_entity.type
_entity.pdbx_description
1 polymer 'Slr0355 protein'
2 non-polymer NICOTINAMIDE-ADENINE-DINUCLEOTIDE
3 non-polymer '(3R)-3-[(1R)-1-azanylethyl]nonanedioic acid'
4 water water
#
_entity_poly.entity_id   1
_entity_poly.type   'polypeptide(L)'
_entity_poly.pdbx_seq_one_letter_code
;MKHHHHHHHHGGLVPRGSHGGSMENNSLAPLRVGILGFGGLGQAAARLLAPKQEMKLVAVADRHGYLYDADGIDVDNAVQ
AYTQQGSVGKAKKGQMSEQSIEDLIGEGEVDGYFLALPNLPNTFMADVTRQFIASGWQGVLVDALARTSAVEQLITLRED
LAQAGITYMTGCGATPGLLTAAAAIASQSFQEIHQVKITFGVGIANWEAYRATIREDIAHMPGYNVDKAQAMTDAEVAAL
LDQTNGILALEDMEHADDIMLELAGICHRDQVTVGGVVDTRNPKKPLSTHVKITGRTFEGKISSHTFTLGDETSMAANVC
GPAFGYLKAGYGLHRQGLKGLFTAADVMPKFVR
;
_entity_poly.pdbx_strand_id   A
#
# COMPACT_ATOMS: atom_id res chain seq x y z
N SER A 27 -3.52 -12.91 -21.27
CA SER A 27 -2.70 -14.16 -21.34
C SER A 27 -1.89 -14.20 -22.63
N LEU A 28 -2.40 -13.57 -23.70
CA LEU A 28 -1.64 -13.30 -24.96
C LEU A 28 -0.74 -12.06 -24.73
N ALA A 29 -1.29 -10.99 -24.15
CA ALA A 29 -0.61 -9.70 -23.90
C ALA A 29 -0.67 -9.34 -22.42
N PRO A 30 0.16 -9.96 -21.55
CA PRO A 30 0.08 -9.77 -20.10
C PRO A 30 0.83 -8.52 -19.63
N LEU A 31 0.23 -7.80 -18.68
CA LEU A 31 0.91 -6.67 -17.99
C LEU A 31 2.20 -7.20 -17.37
N ARG A 32 3.32 -6.52 -17.67
CA ARG A 32 4.64 -6.79 -17.07
C ARG A 32 4.76 -5.82 -15.89
N VAL A 33 4.87 -6.33 -14.66
CA VAL A 33 4.79 -5.46 -13.45
C VAL A 33 6.04 -5.65 -12.58
N GLY A 34 6.38 -4.61 -11.83
CA GLY A 34 7.51 -4.65 -10.89
C GLY A 34 7.07 -4.40 -9.46
N ILE A 35 7.82 -4.93 -8.50
CA ILE A 35 7.64 -4.64 -7.04
C ILE A 35 8.93 -3.96 -6.54
N LEU A 36 8.80 -2.77 -5.97
CA LEU A 36 9.90 -2.07 -5.27
C LEU A 36 9.70 -2.26 -3.77
N GLY A 37 10.69 -2.85 -3.12
CA GLY A 37 10.60 -3.29 -1.70
C GLY A 37 10.23 -4.74 -1.65
N PHE A 38 10.97 -5.55 -0.89
CA PHE A 38 10.83 -7.02 -0.84
C PHE A 38 10.82 -7.51 0.60
N GLY A 39 9.98 -6.86 1.42
CA GLY A 39 9.70 -7.24 2.81
C GLY A 39 8.45 -8.09 2.89
N GLY A 40 7.68 -7.96 3.96
CA GLY A 40 6.38 -8.63 4.14
C GLY A 40 5.49 -8.41 2.93
N LEU A 41 5.22 -7.16 2.58
CA LEU A 41 4.31 -6.79 1.47
C LEU A 41 4.94 -7.16 0.12
N GLY A 42 6.20 -6.82 -0.11
CA GLY A 42 6.85 -7.06 -1.41
C GLY A 42 6.82 -8.55 -1.74
N GLN A 43 7.25 -9.37 -0.79
CA GLN A 43 7.33 -10.85 -0.95
C GLN A 43 5.92 -11.39 -1.18
N ALA A 44 4.94 -10.92 -0.39
CA ALA A 44 3.53 -11.36 -0.46
C ALA A 44 2.97 -10.94 -1.83
N ALA A 45 3.28 -9.73 -2.28
CA ALA A 45 2.91 -9.27 -3.65
C ALA A 45 3.36 -10.30 -4.68
N ALA A 46 4.60 -10.80 -4.56
CA ALA A 46 5.28 -11.67 -5.54
C ALA A 46 4.60 -13.03 -5.58
N ARG A 47 4.30 -13.59 -4.40
CA ARG A 47 3.51 -14.85 -4.25
C ARG A 47 2.11 -14.66 -4.86
N LEU A 48 1.50 -13.49 -4.69
CA LEU A 48 0.10 -13.24 -5.16
C LEU A 48 0.08 -13.23 -6.69
N LEU A 49 1.08 -12.60 -7.30
CA LEU A 49 1.16 -12.51 -8.77
C LEU A 49 1.54 -13.87 -9.38
N ALA A 50 2.18 -14.78 -8.66
CA ALA A 50 2.64 -16.08 -9.21
C ALA A 50 1.57 -16.69 -10.13
N PRO A 51 0.34 -17.03 -9.65
CA PRO A 51 -0.65 -17.72 -10.48
C PRO A 51 -1.44 -16.92 -11.49
N LYS A 52 -1.22 -15.61 -11.56
CA LYS A 52 -1.95 -14.72 -12.50
C LYS A 52 -1.55 -15.07 -13.94
N GLN A 53 -2.44 -14.83 -14.90
CA GLN A 53 -2.19 -15.01 -16.34
C GLN A 53 -2.29 -13.66 -17.08
N GLU A 54 -2.85 -12.63 -16.43
CA GLU A 54 -3.00 -11.27 -17.02
C GLU A 54 -1.84 -10.36 -16.60
N MET A 55 -1.03 -10.82 -15.65
CA MET A 55 0.01 -10.01 -14.97
C MET A 55 1.24 -10.89 -14.76
N LYS A 56 2.42 -10.40 -15.15
CA LYS A 56 3.69 -11.15 -14.99
C LYS A 56 4.70 -10.29 -14.22
N LEU A 57 5.10 -10.76 -13.03
CA LEU A 57 6.23 -10.19 -12.26
C LEU A 57 7.51 -10.36 -13.09
N VAL A 58 8.03 -9.24 -13.63
CA VAL A 58 9.30 -9.18 -14.41
C VAL A 58 10.42 -8.51 -13.58
N ALA A 59 10.09 -7.79 -12.50
CA ALA A 59 11.03 -6.87 -11.81
C ALA A 59 10.77 -6.79 -10.31
N VAL A 60 11.82 -6.97 -9.51
CA VAL A 60 11.82 -6.72 -8.03
C VAL A 60 13.08 -5.92 -7.67
N ALA A 61 12.96 -4.96 -6.75
CA ALA A 61 14.11 -4.22 -6.17
C ALA A 61 13.99 -4.20 -4.64
N ASP A 62 15.12 -4.34 -3.95
CA ASP A 62 15.27 -4.02 -2.50
C ASP A 62 16.31 -2.91 -2.36
N ARG A 63 16.69 -2.55 -1.13
CA ARG A 63 17.62 -1.42 -0.87
C ARG A 63 18.94 -1.61 -1.64
N HIS A 64 19.51 -2.83 -1.63
CA HIS A 64 20.92 -3.10 -2.03
C HIS A 64 21.04 -3.81 -3.39
N GLY A 65 19.93 -4.06 -4.10
CA GLY A 65 19.98 -4.87 -5.33
C GLY A 65 18.63 -4.96 -6.03
N TYR A 66 18.63 -5.56 -7.23
CA TYR A 66 17.43 -5.77 -8.07
C TYR A 66 17.59 -7.01 -8.95
N LEU A 67 16.44 -7.49 -9.43
CA LEU A 67 16.25 -8.73 -10.19
C LEU A 67 15.23 -8.48 -11.29
N TYR A 68 15.63 -8.63 -12.56
CA TYR A 68 14.78 -8.50 -13.78
C TYR A 68 14.87 -9.79 -14.61
N ASP A 69 13.74 -10.17 -15.20
CA ASP A 69 13.58 -11.45 -15.93
C ASP A 69 12.24 -11.40 -16.66
N ALA A 70 12.25 -10.97 -17.92
CA ALA A 70 11.02 -10.67 -18.70
C ALA A 70 10.21 -11.94 -18.97
N ASP A 71 10.70 -13.12 -18.56
CA ASP A 71 9.97 -14.42 -18.59
C ASP A 71 9.16 -14.62 -17.30
N GLY A 72 9.44 -13.83 -16.26
CA GLY A 72 8.78 -13.95 -14.94
C GLY A 72 9.76 -14.38 -13.87
N ILE A 73 9.70 -13.75 -12.71
CA ILE A 73 10.59 -14.01 -11.56
C ILE A 73 10.28 -15.40 -10.98
N ASP A 74 11.29 -16.25 -10.89
CA ASP A 74 11.23 -17.41 -9.96
C ASP A 74 11.13 -16.82 -8.55
N VAL A 75 9.93 -16.82 -7.99
CA VAL A 75 9.62 -16.16 -6.70
C VAL A 75 10.36 -16.88 -5.57
N ASP A 76 10.36 -18.21 -5.56
CA ASP A 76 11.03 -19.01 -4.48
C ASP A 76 12.51 -18.64 -4.45
N ASN A 77 13.13 -18.45 -5.61
CA ASN A 77 14.57 -18.13 -5.69
C ASN A 77 14.82 -16.70 -5.17
N ALA A 78 14.01 -15.73 -5.62
CA ALA A 78 14.13 -14.31 -5.20
C ALA A 78 14.00 -14.19 -3.67
N VAL A 79 13.12 -14.99 -3.05
CA VAL A 79 12.88 -14.97 -1.58
C VAL A 79 14.07 -15.63 -0.87
N GLN A 80 14.58 -16.74 -1.41
CA GLN A 80 15.78 -17.44 -0.87
C GLN A 80 16.94 -16.45 -0.86
N ALA A 81 17.28 -15.90 -2.02
CA ALA A 81 18.31 -14.86 -2.21
C ALA A 81 18.11 -13.74 -1.17
N TYR A 82 16.92 -13.16 -1.06
CA TYR A 82 16.65 -12.02 -0.16
C TYR A 82 16.89 -12.43 1.30
N THR A 83 16.30 -13.55 1.73
CA THR A 83 16.22 -13.92 3.16
C THR A 83 17.60 -14.29 3.70
N GLN A 84 18.43 -14.94 2.89
CA GLN A 84 19.68 -15.60 3.36
C GLN A 84 20.93 -14.80 2.94
N GLN A 85 20.84 -14.02 1.86
CA GLN A 85 21.93 -13.16 1.35
C GLN A 85 21.55 -11.66 1.34
N GLY A 86 20.37 -11.30 1.85
CA GLY A 86 19.99 -9.92 2.22
C GLY A 86 19.59 -9.04 1.05
N SER A 87 19.61 -9.56 -0.19
CA SER A 87 19.11 -8.84 -1.39
C SER A 87 18.69 -9.84 -2.47
N VAL A 88 17.79 -9.41 -3.37
CA VAL A 88 17.36 -10.16 -4.60
C VAL A 88 18.47 -10.06 -5.64
N GLY A 89 19.36 -9.06 -5.49
CA GLY A 89 20.57 -8.91 -6.32
C GLY A 89 21.46 -10.13 -6.19
N LYS A 90 21.30 -10.93 -5.13
CA LYS A 90 22.09 -12.15 -4.83
C LYS A 90 21.38 -13.39 -5.38
N ALA A 91 20.42 -13.22 -6.29
CA ALA A 91 19.61 -14.31 -6.87
C ALA A 91 20.15 -14.68 -8.26
N LYS A 92 19.83 -15.90 -8.71
CA LYS A 92 20.19 -16.49 -10.03
C LYS A 92 20.49 -15.39 -11.06
N LYS A 93 19.60 -14.39 -11.22
CA LYS A 93 19.70 -13.32 -12.28
C LYS A 93 20.05 -11.96 -11.66
N GLY A 94 20.21 -11.84 -10.34
CA GLY A 94 20.23 -10.56 -9.61
C GLY A 94 21.41 -9.67 -9.98
N GLN A 95 21.31 -8.38 -9.69
CA GLN A 95 22.45 -7.42 -9.77
C GLN A 95 22.43 -6.56 -8.51
N MET A 96 23.53 -6.56 -7.75
CA MET A 96 23.74 -5.63 -6.60
C MET A 96 23.76 -4.20 -7.15
N SER A 97 23.30 -3.23 -6.34
CA SER A 97 23.27 -1.78 -6.67
C SER A 97 22.76 -0.99 -5.46
N GLU A 98 23.45 0.09 -5.12
CA GLU A 98 23.05 1.05 -4.05
C GLU A 98 22.20 2.16 -4.67
N GLN A 99 21.72 1.94 -5.90
CA GLN A 99 20.66 2.73 -6.58
C GLN A 99 19.81 1.76 -7.41
N SER A 100 19.43 0.64 -6.76
CA SER A 100 18.64 -0.48 -7.33
C SER A 100 17.48 0.04 -8.17
N ILE A 101 16.64 0.90 -7.59
CA ILE A 101 15.38 1.32 -8.27
C ILE A 101 15.81 2.19 -9.47
N GLU A 102 16.67 3.20 -9.25
CA GLU A 102 17.21 4.04 -10.34
C GLU A 102 17.68 3.12 -11.48
N ASP A 103 18.48 2.10 -11.18
CA ASP A 103 19.07 1.19 -12.20
C ASP A 103 17.95 0.40 -12.90
N LEU A 104 17.10 -0.25 -12.09
CA LEU A 104 16.01 -1.16 -12.55
C LEU A 104 15.07 -0.41 -13.51
N ILE A 105 14.84 0.90 -13.28
CA ILE A 105 13.90 1.71 -14.10
C ILE A 105 14.37 1.77 -15.55
N GLY A 106 15.66 2.08 -15.76
CA GLY A 106 16.26 2.24 -17.09
C GLY A 106 16.28 0.93 -17.85
N GLU A 107 16.66 -0.15 -17.17
CA GLU A 107 16.85 -1.50 -17.77
C GLU A 107 15.50 -2.14 -18.08
N GLY A 108 14.52 -2.00 -17.17
CA GLY A 108 13.27 -2.78 -17.18
C GLY A 108 12.23 -2.22 -18.12
N GLU A 109 11.80 -3.04 -19.10
CA GLU A 109 10.51 -2.87 -19.86
C GLU A 109 9.36 -3.35 -18.96
N VAL A 110 8.71 -2.41 -18.26
CA VAL A 110 7.71 -2.71 -17.21
C VAL A 110 6.55 -1.71 -17.30
N ASP A 111 5.33 -2.25 -17.34
CA ASP A 111 4.08 -1.49 -17.63
C ASP A 111 3.62 -0.78 -16.35
N GLY A 112 3.90 -1.36 -15.18
CA GLY A 112 3.47 -0.84 -13.86
C GLY A 112 4.27 -1.38 -12.69
N TYR A 113 4.48 -0.57 -11.65
CA TYR A 113 5.23 -0.92 -10.43
C TYR A 113 4.31 -0.77 -9.23
N PHE A 114 4.40 -1.70 -8.29
CA PHE A 114 3.87 -1.57 -6.91
C PHE A 114 5.02 -1.11 -6.00
N LEU A 115 4.82 -0.01 -5.28
CA LEU A 115 5.82 0.55 -4.35
C LEU A 115 5.58 -0.04 -2.96
N ALA A 116 6.13 -1.22 -2.69
CA ALA A 116 6.07 -1.89 -1.37
C ALA A 116 7.17 -1.39 -0.42
N LEU A 117 7.32 -0.06 -0.28
CA LEU A 117 8.47 0.58 0.43
C LEU A 117 8.02 1.17 1.75
N PRO A 118 8.96 1.45 2.69
CA PRO A 118 8.62 2.23 3.87
C PRO A 118 8.32 3.67 3.42
N ASN A 119 7.57 4.42 4.23
CA ASN A 119 7.59 5.89 4.16
C ASN A 119 8.39 6.39 5.36
N LEU A 120 9.65 5.97 5.43
CA LEU A 120 10.68 6.46 6.39
C LEU A 120 11.86 6.96 5.55
N PRO A 121 12.16 8.29 5.55
CA PRO A 121 11.35 9.28 6.28
C PRO A 121 10.01 9.56 5.58
N ASN A 122 9.15 10.38 6.21
CA ASN A 122 7.76 10.67 5.74
C ASN A 122 7.77 11.25 4.31
N THR A 123 8.95 11.43 3.69
CA THR A 123 9.16 12.07 2.37
C THR A 123 9.64 11.08 1.31
N PHE A 124 9.97 9.85 1.72
CA PHE A 124 10.66 8.82 0.90
C PHE A 124 9.86 8.45 -0.36
N MET A 125 8.55 8.19 -0.22
CA MET A 125 7.69 7.77 -1.37
C MET A 125 7.75 8.84 -2.46
N ALA A 126 7.55 10.08 -2.04
CA ALA A 126 7.60 11.28 -2.91
C ALA A 126 8.94 11.28 -3.66
N ASP A 127 10.04 11.07 -2.96
CA ASP A 127 11.41 11.09 -3.53
C ASP A 127 11.49 10.05 -4.65
N VAL A 128 11.08 8.80 -4.39
CA VAL A 128 11.11 7.70 -5.40
C VAL A 128 10.24 8.10 -6.59
N THR A 129 9.07 8.68 -6.31
CA THR A 129 8.14 9.18 -7.36
C THR A 129 8.84 10.25 -8.19
N ARG A 130 9.53 11.19 -7.54
CA ARG A 130 10.38 12.20 -8.22
C ARG A 130 11.38 11.47 -9.13
N GLN A 131 12.06 10.44 -8.64
CA GLN A 131 12.97 9.60 -9.47
C GLN A 131 12.25 9.19 -10.75
N PHE A 132 11.06 8.59 -10.61
CA PHE A 132 10.24 8.08 -11.73
C PHE A 132 9.87 9.20 -12.71
N ILE A 133 9.58 10.39 -12.18
CA ILE A 133 9.18 11.57 -13.01
C ILE A 133 10.37 11.94 -13.90
N ALA A 134 11.53 12.11 -13.27
CA ALA A 134 12.82 12.48 -13.90
C ALA A 134 13.30 11.38 -14.86
N SER A 135 12.91 10.12 -14.63
CA SER A 135 13.36 8.95 -15.43
C SER A 135 12.85 9.02 -16.88
N GLY A 136 11.82 9.82 -17.16
CA GLY A 136 11.16 9.90 -18.48
C GLY A 136 10.12 8.81 -18.66
N TRP A 137 10.33 7.67 -18.00
CA TRP A 137 9.49 6.44 -17.99
C TRP A 137 8.00 6.80 -17.92
N GLN A 138 7.22 6.06 -18.72
CA GLN A 138 5.74 6.14 -18.83
C GLN A 138 5.15 4.86 -18.23
N GLY A 139 4.03 4.98 -17.52
CA GLY A 139 3.18 3.83 -17.17
C GLY A 139 2.39 4.06 -15.89
N VAL A 140 2.08 2.97 -15.19
CA VAL A 140 1.20 2.95 -13.99
C VAL A 140 2.07 2.72 -12.74
N LEU A 141 1.86 3.53 -11.71
CA LEU A 141 2.46 3.28 -10.37
C LEU A 141 1.33 3.08 -9.35
N VAL A 142 1.53 2.17 -8.39
CA VAL A 142 0.60 1.96 -7.25
C VAL A 142 1.37 1.97 -5.94
N ASP A 143 0.83 2.62 -4.90
CA ASP A 143 1.34 2.52 -3.50
C ASP A 143 0.23 2.05 -2.55
N ALA A 144 0.64 1.56 -1.40
CA ALA A 144 -0.22 1.27 -0.23
C ALA A 144 0.13 2.28 0.88
N LEU A 145 0.25 3.54 0.52
CA LEU A 145 0.70 4.62 1.44
C LEU A 145 -0.37 4.87 2.50
N ALA A 146 0.03 5.08 3.74
CA ALA A 146 -0.85 5.02 4.92
C ALA A 146 -1.18 6.42 5.47
N ARG A 147 -0.25 7.38 5.36
CA ARG A 147 -0.29 8.64 6.15
C ARG A 147 -0.87 9.75 5.27
N THR A 148 -1.83 10.50 5.81
CA THR A 148 -2.37 11.75 5.20
C THR A 148 -1.19 12.62 4.72
N SER A 149 -0.17 12.82 5.56
CA SER A 149 1.00 13.71 5.26
C SER A 149 1.78 13.18 4.05
N ALA A 150 2.07 11.87 4.01
CA ALA A 150 2.75 11.18 2.88
C ALA A 150 1.95 11.37 1.58
N VAL A 151 0.62 11.34 1.69
CA VAL A 151 -0.25 11.46 0.49
C VAL A 151 -0.22 12.91 0.02
N GLU A 152 -0.34 13.87 0.93
CA GLU A 152 -0.21 15.33 0.64
C GLU A 152 1.09 15.57 -0.14
N GLN A 153 2.21 14.95 0.25
CA GLN A 153 3.48 15.11 -0.51
C GLN A 153 3.29 14.60 -1.94
N LEU A 154 2.53 13.52 -2.12
CA LEU A 154 2.28 12.94 -3.46
C LEU A 154 1.35 13.88 -4.24
N ILE A 155 0.45 14.58 -3.53
CA ILE A 155 -0.51 15.55 -4.15
C ILE A 155 0.29 16.70 -4.75
N THR A 156 1.32 17.13 -4.02
CA THR A 156 2.35 18.11 -4.44
C THR A 156 2.71 17.83 -5.91
N LEU A 157 2.80 16.55 -6.30
CA LEU A 157 3.37 16.11 -7.60
C LEU A 157 2.30 15.79 -8.64
N ARG A 158 1.02 16.01 -8.35
CA ARG A 158 -0.07 15.51 -9.23
C ARG A 158 0.07 16.06 -10.67
N GLU A 159 0.58 17.28 -10.86
CA GLU A 159 0.73 17.91 -12.20
C GLU A 159 1.94 17.32 -12.93
N ASP A 160 3.12 17.43 -12.32
CA ASP A 160 4.36 16.71 -12.72
C ASP A 160 4.00 15.29 -13.20
N LEU A 161 3.26 14.57 -12.37
CA LEU A 161 2.83 13.16 -12.62
C LEU A 161 2.10 13.08 -13.96
N ALA A 162 1.05 13.89 -14.14
CA ALA A 162 0.28 13.99 -15.40
C ALA A 162 1.24 14.26 -16.57
N GLN A 163 2.12 15.26 -16.41
CA GLN A 163 3.02 15.77 -17.48
C GLN A 163 4.03 14.69 -17.90
N ALA A 164 4.52 13.86 -16.96
CA ALA A 164 5.50 12.78 -17.23
C ALA A 164 4.81 11.56 -17.85
N GLY A 165 3.48 11.60 -17.99
CA GLY A 165 2.67 10.53 -18.59
C GLY A 165 2.52 9.32 -17.68
N ILE A 166 2.58 9.54 -16.35
CA ILE A 166 2.39 8.47 -15.32
C ILE A 166 0.96 8.53 -14.77
N THR A 167 0.26 7.39 -14.78
CA THR A 167 -1.00 7.19 -14.01
C THR A 167 -0.66 6.58 -12.65
N TYR A 168 -0.83 7.36 -11.59
CA TYR A 168 -0.39 7.03 -10.21
C TYR A 168 -1.62 6.79 -9.32
N MET A 169 -1.68 5.56 -8.79
CA MET A 169 -2.77 5.07 -7.91
C MET A 169 -2.25 5.03 -6.47
N THR A 170 -2.66 5.98 -5.65
CA THR A 170 -2.18 6.14 -4.23
C THR A 170 -3.24 5.63 -3.23
N GLY A 171 -2.77 5.13 -2.07
CA GLY A 171 -3.58 4.58 -0.98
C GLY A 171 -4.42 3.41 -1.43
N CYS A 172 -3.82 2.45 -2.15
CA CYS A 172 -4.53 1.34 -2.84
C CYS A 172 -4.12 0.01 -2.18
N GLY A 173 -4.03 0.01 -0.84
CA GLY A 173 -3.94 -1.19 -0.02
C GLY A 173 -5.27 -1.54 0.67
N ALA A 174 -5.21 -1.81 1.97
CA ALA A 174 -6.36 -2.23 2.82
C ALA A 174 -7.03 -0.98 3.38
N THR A 175 -6.27 -0.20 4.15
CA THR A 175 -6.62 1.14 4.68
C THR A 175 -5.34 1.96 4.80
N PRO A 176 -5.15 2.96 3.91
CA PRO A 176 -6.10 3.27 2.83
C PRO A 176 -6.16 2.19 1.75
N GLY A 177 -7.23 2.23 0.95
CA GLY A 177 -7.46 1.33 -0.20
C GLY A 177 -8.84 0.70 -0.20
N LEU A 178 -8.89 -0.63 -0.05
CA LEU A 178 -10.12 -1.46 -0.04
C LEU A 178 -11.20 -0.79 0.82
N LEU A 179 -10.88 -0.45 2.07
CA LEU A 179 -11.89 0.03 3.06
C LEU A 179 -12.38 1.42 2.64
N THR A 180 -11.49 2.25 2.11
CA THR A 180 -11.78 3.61 1.62
C THR A 180 -12.77 3.49 0.46
N ALA A 181 -12.48 2.62 -0.49
CA ALA A 181 -13.31 2.33 -1.67
C ALA A 181 -14.69 1.80 -1.24
N ALA A 182 -14.72 0.86 -0.30
CA ALA A 182 -15.98 0.34 0.28
C ALA A 182 -16.79 1.52 0.83
N ALA A 183 -16.12 2.44 1.53
CA ALA A 183 -16.77 3.63 2.12
C ALA A 183 -17.34 4.53 1.02
N ALA A 184 -16.61 4.70 -0.07
CA ALA A 184 -17.01 5.58 -1.19
C ALA A 184 -18.27 5.01 -1.82
N ILE A 185 -18.35 3.69 -1.90
CA ILE A 185 -19.50 2.98 -2.50
C ILE A 185 -20.69 3.09 -1.54
N ALA A 186 -20.46 2.87 -0.26
CA ALA A 186 -21.52 2.86 0.76
C ALA A 186 -22.13 4.26 0.88
N SER A 187 -21.33 5.30 0.67
CA SER A 187 -21.75 6.71 0.83
C SER A 187 -22.95 7.03 -0.08
N GLN A 188 -23.18 6.23 -1.12
CA GLN A 188 -24.07 6.59 -2.25
C GLN A 188 -25.51 6.58 -1.74
N SER A 189 -25.79 5.87 -0.66
CA SER A 189 -27.14 5.78 -0.07
C SER A 189 -27.54 7.10 0.59
N PHE A 190 -26.60 8.03 0.82
CA PHE A 190 -26.83 9.19 1.73
C PHE A 190 -26.73 10.55 1.04
N GLN A 191 -27.51 11.48 1.58
CA GLN A 191 -27.57 12.91 1.24
C GLN A 191 -26.33 13.59 1.84
N GLU A 192 -26.05 13.30 3.11
CA GLU A 192 -24.85 13.79 3.81
C GLU A 192 -24.19 12.65 4.59
N ILE A 193 -22.85 12.63 4.55
CA ILE A 193 -22.02 11.69 5.34
C ILE A 193 -21.67 12.35 6.68
N HIS A 194 -21.74 11.57 7.77
CA HIS A 194 -21.52 12.01 9.17
C HIS A 194 -20.17 11.48 9.69
N GLN A 195 -19.93 10.17 9.64
CA GLN A 195 -18.57 9.59 9.85
C GLN A 195 -18.34 8.36 8.97
N VAL A 196 -17.07 8.16 8.64
CA VAL A 196 -16.46 6.89 8.21
C VAL A 196 -15.52 6.51 9.34
N LYS A 197 -15.81 5.39 10.00
CA LYS A 197 -15.03 4.84 11.12
C LYS A 197 -14.36 3.57 10.63
N ILE A 198 -13.03 3.54 10.58
CA ILE A 198 -12.30 2.27 10.27
C ILE A 198 -11.72 1.70 11.57
N THR A 199 -12.06 0.44 11.85
CA THR A 199 -11.46 -0.39 12.91
C THR A 199 -10.83 -1.61 12.23
N PHE A 200 -9.50 -1.66 12.19
CA PHE A 200 -8.76 -2.77 11.55
C PHE A 200 -8.18 -3.70 12.62
N GLY A 201 -8.11 -4.97 12.30
CA GLY A 201 -7.39 -5.97 13.10
C GLY A 201 -6.30 -6.62 12.27
N VAL A 202 -5.11 -6.78 12.86
CA VAL A 202 -3.97 -7.46 12.17
C VAL A 202 -3.42 -8.53 13.09
N GLY A 203 -3.28 -9.74 12.55
CA GLY A 203 -2.60 -10.86 13.20
C GLY A 203 -1.35 -11.25 12.44
N ILE A 204 -0.18 -11.05 13.01
CA ILE A 204 1.11 -11.53 12.41
C ILE A 204 1.88 -12.34 13.45
N ALA A 205 2.57 -13.38 12.99
CA ALA A 205 3.22 -14.41 13.83
C ALA A 205 4.40 -13.80 14.60
N ASN A 206 5.07 -12.82 13.99
CA ASN A 206 6.10 -11.98 14.66
C ASN A 206 6.23 -10.66 13.90
N TRP A 207 6.69 -9.62 14.58
CA TRP A 207 6.62 -8.21 14.11
C TRP A 207 7.67 -7.91 13.03
N GLU A 208 8.75 -8.68 12.94
CA GLU A 208 9.87 -8.46 11.97
C GLU A 208 9.38 -8.77 10.55
N ALA A 209 8.31 -9.55 10.42
CA ALA A 209 7.69 -9.87 9.11
C ALA A 209 7.38 -8.56 8.35
N TYR A 210 6.99 -7.50 9.08
CA TYR A 210 6.59 -6.18 8.49
C TYR A 210 7.18 -5.04 9.33
N ARG A 211 8.51 -4.94 9.33
CA ARG A 211 9.28 -4.02 10.20
C ARG A 211 8.71 -2.61 10.07
N ALA A 212 8.71 -2.06 8.85
CA ALA A 212 8.35 -0.65 8.58
C ALA A 212 6.88 -0.41 8.93
N THR A 213 6.03 -1.38 8.63
CA THR A 213 4.58 -1.33 8.97
C THR A 213 4.46 -1.07 10.47
N ILE A 214 5.23 -1.84 11.26
CA ILE A 214 5.19 -1.80 12.76
C ILE A 214 5.91 -0.55 13.25
N ARG A 215 7.03 -0.15 12.63
CA ARG A 215 7.74 1.11 12.97
C ARG A 215 6.79 2.29 12.71
N GLU A 216 6.17 2.33 11.53
CA GLU A 216 5.20 3.39 11.13
C GLU A 216 4.03 3.43 12.14
N ASP A 217 3.62 2.27 12.65
CA ASP A 217 2.54 2.17 13.69
C ASP A 217 3.00 2.85 14.96
N ILE A 218 4.20 2.50 15.44
CA ILE A 218 4.75 3.00 16.72
C ILE A 218 4.87 4.52 16.65
N ALA A 219 5.16 5.06 15.46
CA ALA A 219 5.27 6.52 15.25
C ALA A 219 3.92 7.19 15.52
N HIS A 220 2.80 6.56 15.13
CA HIS A 220 1.42 7.09 15.34
C HIS A 220 1.11 7.20 16.82
N MET A 221 1.76 6.39 17.66
CA MET A 221 1.42 6.22 19.11
C MET A 221 1.65 7.52 19.89
N PRO A 222 1.14 7.63 21.14
CA PRO A 222 1.11 8.92 21.84
C PRO A 222 2.52 9.45 22.14
N GLY A 223 3.40 8.60 22.69
CA GLY A 223 4.72 9.01 23.19
C GLY A 223 5.73 9.31 22.08
N TYR A 224 5.39 9.06 20.80
CA TYR A 224 6.40 8.84 19.72
C TYR A 224 6.12 9.70 18.48
N ASN A 225 7.02 9.61 17.49
CA ASN A 225 6.90 10.24 16.14
C ASN A 225 7.76 9.47 15.12
N VAL A 226 7.66 9.86 13.83
CA VAL A 226 8.41 9.27 12.68
C VAL A 226 9.89 9.13 13.02
N ASP A 227 10.55 10.24 13.42
CA ASP A 227 12.01 10.34 13.63
C ASP A 227 12.42 9.35 14.74
N LYS A 228 11.70 9.38 15.86
CA LYS A 228 11.95 8.49 17.03
C LYS A 228 11.83 7.02 16.60
N ALA A 229 10.71 6.65 15.99
CA ALA A 229 10.41 5.29 15.49
C ALA A 229 11.58 4.75 14.65
N GLN A 230 12.05 5.55 13.69
CA GLN A 230 13.20 5.23 12.81
C GLN A 230 14.43 4.86 13.65
N ALA A 231 14.83 5.75 14.57
CA ALA A 231 16.06 5.61 15.39
C ALA A 231 15.99 4.34 16.26
N MET A 232 14.80 3.97 16.75
CA MET A 232 14.62 2.85 17.73
C MET A 232 15.30 1.57 17.24
N THR A 233 15.82 0.76 18.17
CA THR A 233 16.48 -0.54 17.87
C THR A 233 15.47 -1.67 17.96
N ASP A 234 15.75 -2.77 17.26
CA ASP A 234 14.90 -3.98 17.26
C ASP A 234 14.60 -4.40 18.71
N ALA A 235 15.55 -4.19 19.63
CA ALA A 235 15.42 -4.56 21.05
C ALA A 235 14.40 -3.63 21.73
N GLU A 236 14.48 -2.33 21.47
CA GLU A 236 13.57 -1.29 22.05
C GLU A 236 12.12 -1.52 21.60
N VAL A 237 11.95 -1.98 20.35
CA VAL A 237 10.62 -2.33 19.76
C VAL A 237 10.04 -3.54 20.52
N ALA A 238 10.80 -4.64 20.60
CA ALA A 238 10.37 -5.85 21.34
C ALA A 238 10.05 -5.48 22.80
N ALA A 239 10.80 -4.57 23.40
CA ALA A 239 10.60 -4.10 24.80
C ALA A 239 9.21 -3.45 24.93
N LEU A 240 8.94 -2.42 24.12
CA LEU A 240 7.63 -1.73 24.01
C LEU A 240 6.52 -2.78 23.85
N LEU A 241 6.59 -3.57 22.77
CA LEU A 241 5.62 -4.64 22.45
C LEU A 241 5.41 -5.53 23.68
N ASP A 242 6.46 -5.74 24.50
CA ASP A 242 6.44 -6.72 25.62
C ASP A 242 5.58 -6.19 26.78
N GLN A 243 5.48 -4.87 26.92
CA GLN A 243 4.60 -4.21 27.93
C GLN A 243 3.18 -4.73 27.80
N THR A 244 2.72 -5.01 26.56
CA THR A 244 1.30 -5.34 26.24
C THR A 244 1.20 -6.71 25.55
N ASN A 245 2.24 -7.53 25.64
CA ASN A 245 2.19 -8.92 25.14
C ASN A 245 2.04 -8.90 23.61
N GLY A 246 2.67 -7.95 22.93
CA GLY A 246 2.73 -7.84 21.46
C GLY A 246 1.53 -7.11 20.85
N ILE A 247 0.73 -6.40 21.64
CA ILE A 247 -0.58 -5.83 21.19
C ILE A 247 -0.51 -4.31 21.17
N LEU A 248 -0.40 -3.74 19.97
CA LEU A 248 -0.57 -2.29 19.66
C LEU A 248 -2.07 -1.96 19.50
N ALA A 249 -2.67 -1.26 20.46
CA ALA A 249 -3.96 -0.55 20.29
C ALA A 249 -3.66 0.85 19.76
N LEU A 250 -4.22 1.22 18.60
CA LEU A 250 -3.99 2.53 17.97
C LEU A 250 -5.35 3.19 17.72
N GLU A 251 -5.54 4.43 18.17
CA GLU A 251 -6.79 5.21 17.98
C GLU A 251 -6.46 6.51 17.22
N ASP A 252 -7.41 7.03 16.45
CA ASP A 252 -7.36 8.30 15.68
C ASP A 252 -6.00 8.45 14.99
N MET A 253 -5.50 7.41 14.31
CA MET A 253 -4.21 7.47 13.57
C MET A 253 -4.35 8.45 12.40
N GLU A 254 -3.24 9.07 11.99
CA GLU A 254 -3.15 10.03 10.87
C GLU A 254 -3.17 9.23 9.55
N HIS A 255 -4.35 8.78 9.13
CA HIS A 255 -4.57 7.88 7.97
C HIS A 255 -5.16 8.63 6.76
N ALA A 256 -4.60 8.37 5.57
CA ALA A 256 -4.89 9.11 4.33
C ALA A 256 -6.30 8.75 3.80
N ASP A 257 -6.96 7.74 4.36
CA ASP A 257 -8.41 7.52 4.12
C ASP A 257 -9.11 8.89 4.15
N ASP A 258 -8.72 9.75 5.11
CA ASP A 258 -9.42 11.02 5.42
C ASP A 258 -9.42 11.95 4.20
N ILE A 259 -8.25 12.23 3.65
CA ILE A 259 -8.07 13.17 2.51
C ILE A 259 -8.61 12.55 1.22
N MET A 260 -8.38 11.26 1.00
CA MET A 260 -8.89 10.56 -0.21
C MET A 260 -10.41 10.72 -0.30
N LEU A 261 -11.12 10.56 0.81
CA LEU A 261 -12.60 10.67 0.85
C LEU A 261 -13.02 12.12 0.59
N GLU A 262 -12.26 13.06 1.13
CA GLU A 262 -12.40 14.52 0.90
C GLU A 262 -12.17 14.82 -0.59
N LEU A 263 -11.04 14.37 -1.14
CA LEU A 263 -10.69 14.50 -2.58
C LEU A 263 -11.82 13.96 -3.45
N ALA A 264 -12.46 12.86 -3.05
CA ALA A 264 -13.63 12.30 -3.78
C ALA A 264 -14.87 13.14 -3.44
N GLY A 265 -14.74 14.13 -2.57
CA GLY A 265 -15.85 14.98 -2.13
C GLY A 265 -16.97 14.17 -1.52
N ILE A 266 -16.68 13.26 -0.59
CA ILE A 266 -17.70 12.44 0.13
C ILE A 266 -17.92 13.02 1.53
N CYS A 267 -16.85 13.48 2.18
CA CYS A 267 -16.90 14.10 3.53
C CYS A 267 -15.59 14.85 3.75
N HIS A 268 -15.53 15.66 4.80
CA HIS A 268 -14.30 16.34 5.26
C HIS A 268 -13.45 15.31 6.02
N ARG A 269 -12.14 15.39 5.87
CA ARG A 269 -11.17 14.46 6.51
C ARG A 269 -11.47 14.30 8.00
N ASP A 270 -11.93 15.34 8.69
CA ASP A 270 -12.19 15.27 10.16
C ASP A 270 -13.32 14.26 10.47
N GLN A 271 -14.15 13.92 9.48
CA GLN A 271 -15.27 12.97 9.68
C GLN A 271 -14.75 11.53 9.55
N VAL A 272 -13.55 11.37 9.02
CA VAL A 272 -12.89 10.06 8.83
C VAL A 272 -11.96 9.77 10.01
N THR A 273 -12.12 8.62 10.61
CA THR A 273 -11.38 8.24 11.84
C THR A 273 -10.88 6.81 11.64
N VAL A 274 -9.58 6.57 11.88
CA VAL A 274 -8.94 5.25 11.65
C VAL A 274 -8.27 4.77 12.93
N GLY A 275 -8.65 3.58 13.38
CA GLY A 275 -8.08 2.93 14.57
C GLY A 275 -7.99 1.43 14.37
N GLY A 276 -7.28 0.75 15.25
CA GLY A 276 -7.19 -0.72 15.18
C GLY A 276 -6.35 -1.34 16.28
N VAL A 277 -6.06 -2.64 16.09
CA VAL A 277 -5.33 -3.51 17.03
C VAL A 277 -4.42 -4.45 16.20
N VAL A 278 -3.11 -4.31 16.36
CA VAL A 278 -2.09 -5.25 15.84
C VAL A 278 -1.66 -6.19 16.97
N ASP A 279 -1.93 -7.48 16.80
CA ASP A 279 -1.31 -8.53 17.63
C ASP A 279 -0.12 -9.08 16.84
N THR A 280 1.10 -8.85 17.34
CA THR A 280 2.40 -9.14 16.69
C THR A 280 2.93 -10.53 17.10
N ARG A 281 2.14 -11.31 17.84
CA ARG A 281 2.57 -12.64 18.36
C ARG A 281 1.47 -13.64 18.10
N ASN A 282 0.80 -13.51 16.95
CA ASN A 282 -0.51 -14.16 16.74
C ASN A 282 -0.86 -14.03 15.26
N PRO A 283 -0.76 -15.12 14.47
CA PRO A 283 -1.14 -15.06 13.06
C PRO A 283 -2.66 -14.99 12.87
N LYS A 284 -3.45 -14.86 13.95
CA LYS A 284 -4.91 -14.71 13.90
C LYS A 284 -5.30 -13.27 14.27
N LYS A 285 -6.24 -12.73 13.52
CA LYS A 285 -6.73 -11.34 13.67
C LYS A 285 -7.34 -11.21 15.07
N PRO A 286 -6.95 -10.17 15.86
CA PRO A 286 -7.51 -9.98 17.20
C PRO A 286 -8.92 -9.37 17.18
N LEU A 287 -9.35 -8.86 16.03
CA LEU A 287 -10.75 -8.38 15.84
C LEU A 287 -11.05 -8.37 14.35
N SER A 288 -12.33 -8.38 14.01
CA SER A 288 -12.80 -8.38 12.61
C SER A 288 -12.68 -6.96 12.04
N THR A 289 -11.79 -6.76 11.07
CA THR A 289 -11.64 -5.46 10.38
C THR A 289 -12.97 -5.04 9.76
N HIS A 290 -13.41 -3.81 10.02
CA HIS A 290 -14.66 -3.30 9.41
C HIS A 290 -14.58 -1.80 9.23
N VAL A 291 -15.33 -1.28 8.27
CA VAL A 291 -15.60 0.17 8.11
C VAL A 291 -17.11 0.41 8.30
N LYS A 292 -17.46 1.35 9.18
CA LYS A 292 -18.82 1.84 9.45
C LYS A 292 -18.99 3.20 8.76
N ILE A 293 -19.97 3.34 7.86
CA ILE A 293 -20.27 4.61 7.12
C ILE A 293 -21.64 5.12 7.62
N THR A 294 -21.62 6.26 8.32
CA THR A 294 -22.84 6.85 8.92
C THR A 294 -23.22 8.11 8.14
N GLY A 295 -24.49 8.21 7.77
CA GLY A 295 -25.00 9.37 7.01
C GLY A 295 -26.48 9.57 7.25
N ARG A 296 -26.99 10.66 6.73
CA ARG A 296 -28.44 10.98 6.69
C ARG A 296 -28.92 10.76 5.25
N THR A 297 -30.00 9.99 5.08
CA THR A 297 -30.62 9.78 3.74
C THR A 297 -31.48 11.01 3.39
N PHE A 298 -31.99 11.07 2.16
CA PHE A 298 -32.84 12.18 1.65
C PHE A 298 -34.20 12.21 2.43
N GLU A 299 -34.58 11.12 3.09
CA GLU A 299 -35.80 11.00 3.96
C GLU A 299 -35.52 11.52 5.39
N GLY A 300 -34.33 12.09 5.65
CA GLY A 300 -33.90 12.62 6.97
C GLY A 300 -33.62 11.54 8.02
N LYS A 301 -33.53 10.27 7.62
CA LYS A 301 -33.17 9.15 8.53
C LYS A 301 -31.65 9.05 8.63
N ILE A 302 -31.14 8.61 9.79
CA ILE A 302 -29.68 8.47 10.05
C ILE A 302 -29.39 6.99 10.28
N SER A 303 -28.39 6.47 9.61
CA SER A 303 -28.15 5.01 9.54
C SER A 303 -26.69 4.78 9.16
N SER A 304 -26.26 3.54 9.25
CA SER A 304 -24.84 3.15 9.07
C SER A 304 -24.77 1.88 8.23
N HIS A 305 -23.93 1.90 7.20
CA HIS A 305 -23.51 0.69 6.45
C HIS A 305 -22.26 0.14 7.13
N THR A 306 -22.08 -1.17 7.13
CA THR A 306 -20.89 -1.87 7.71
C THR A 306 -20.33 -2.81 6.64
N PHE A 307 -19.07 -2.62 6.27
CA PHE A 307 -18.27 -3.53 5.43
C PHE A 307 -17.22 -4.19 6.32
N THR A 308 -17.36 -5.49 6.52
CA THR A 308 -16.52 -6.31 7.42
C THR A 308 -15.70 -7.26 6.53
N LEU A 309 -14.44 -7.47 6.90
CA LEU A 309 -13.51 -8.41 6.23
C LEU A 309 -13.55 -9.77 6.94
N GLY A 310 -13.36 -10.83 6.18
CA GLY A 310 -13.23 -12.19 6.74
C GLY A 310 -11.95 -12.33 7.54
N ASP A 311 -12.07 -12.89 8.74
CA ASP A 311 -10.96 -13.07 9.71
C ASP A 311 -9.80 -13.85 9.12
N GLU A 312 -10.00 -14.58 8.02
CA GLU A 312 -8.93 -15.38 7.39
C GLU A 312 -8.42 -14.71 6.09
N THR A 313 -8.87 -13.50 5.76
CA THR A 313 -8.19 -12.63 4.76
C THR A 313 -7.06 -11.97 5.54
N SER A 314 -5.82 -12.21 5.13
CA SER A 314 -4.63 -11.66 5.82
C SER A 314 -4.43 -10.19 5.40
N MET A 315 -3.62 -9.47 6.17
CA MET A 315 -3.19 -8.11 5.82
C MET A 315 -2.65 -8.13 4.38
N ALA A 316 -1.73 -9.04 4.07
CA ALA A 316 -1.07 -9.14 2.74
C ALA A 316 -2.12 -9.31 1.67
N ALA A 317 -3.11 -10.16 1.88
CA ALA A 317 -4.20 -10.40 0.90
C ALA A 317 -5.01 -9.11 0.74
N ASN A 318 -5.38 -8.51 1.86
CA ASN A 318 -6.24 -7.31 1.93
C ASN A 318 -5.48 -6.09 1.39
N VAL A 319 -4.16 -6.15 1.30
CA VAL A 319 -3.33 -5.00 0.83
C VAL A 319 -2.96 -5.20 -0.64
N CYS A 320 -2.32 -6.33 -0.98
CA CYS A 320 -1.73 -6.61 -2.31
C CYS A 320 -2.82 -6.92 -3.32
N GLY A 321 -3.91 -7.56 -2.89
CA GLY A 321 -5.03 -7.85 -3.79
C GLY A 321 -5.57 -6.57 -4.39
N PRO A 322 -6.07 -5.62 -3.56
CA PRO A 322 -6.49 -4.32 -4.08
C PRO A 322 -5.38 -3.57 -4.83
N ALA A 323 -4.14 -3.59 -4.34
CA ALA A 323 -3.01 -2.92 -5.05
C ALA A 323 -3.00 -3.28 -6.55
N PHE A 324 -3.10 -4.57 -6.90
CA PHE A 324 -2.92 -5.02 -8.30
C PHE A 324 -4.23 -4.83 -9.05
N GLY A 325 -5.36 -4.91 -8.36
CA GLY A 325 -6.64 -4.52 -8.97
C GLY A 325 -6.59 -3.07 -9.39
N TYR A 326 -5.93 -2.25 -8.57
CA TYR A 326 -5.77 -0.80 -8.85
C TYR A 326 -4.69 -0.59 -9.91
N LEU A 327 -3.64 -1.43 -9.97
CA LEU A 327 -2.65 -1.36 -11.07
C LEU A 327 -3.42 -1.57 -12.39
N LYS A 328 -4.23 -2.62 -12.45
CA LYS A 328 -5.02 -2.94 -13.67
C LYS A 328 -5.95 -1.77 -14.01
N ALA A 329 -6.75 -1.28 -13.06
CA ALA A 329 -7.66 -0.15 -13.32
C ALA A 329 -6.86 1.04 -13.83
N GLY A 330 -5.69 1.28 -13.22
CA GLY A 330 -4.73 2.32 -13.57
C GLY A 330 -4.25 2.17 -14.99
N TYR A 331 -4.02 0.93 -15.44
CA TYR A 331 -3.64 0.64 -16.84
C TYR A 331 -4.81 1.04 -17.73
N GLY A 332 -6.04 0.61 -17.36
CA GLY A 332 -7.29 1.03 -18.03
C GLY A 332 -7.24 2.52 -18.31
N LEU A 333 -7.00 3.31 -17.27
CA LEU A 333 -6.96 4.80 -17.33
C LEU A 333 -5.78 5.27 -18.19
N HIS A 334 -4.58 4.74 -17.96
CA HIS A 334 -3.38 5.07 -18.76
C HIS A 334 -3.70 4.91 -20.25
N ARG A 335 -4.40 3.82 -20.60
CA ARG A 335 -4.65 3.35 -22.00
C ARG A 335 -5.56 4.33 -22.73
N GLN A 336 -6.46 5.00 -22.02
CA GLN A 336 -7.39 6.00 -22.61
C GLN A 336 -6.79 7.38 -22.37
N GLY A 337 -5.47 7.43 -22.15
CA GLY A 337 -4.69 8.66 -21.96
C GLY A 337 -5.08 9.43 -20.70
N LEU A 338 -5.39 8.75 -19.59
CA LEU A 338 -5.63 9.43 -18.28
C LEU A 338 -4.38 9.30 -17.40
N LYS A 339 -3.77 10.43 -17.07
CA LYS A 339 -2.48 10.53 -16.36
C LYS A 339 -2.74 11.39 -15.11
N GLY A 340 -1.89 11.28 -14.09
CA GLY A 340 -2.04 12.05 -12.83
C GLY A 340 -2.23 11.16 -11.61
N LEU A 341 -2.85 11.72 -10.57
CA LEU A 341 -2.96 11.11 -9.23
C LEU A 341 -4.42 10.74 -8.96
N PHE A 342 -4.68 9.44 -8.77
CA PHE A 342 -6.00 8.89 -8.41
C PHE A 342 -5.82 8.17 -7.09
N THR A 343 -6.87 8.16 -6.30
CA THR A 343 -6.92 7.38 -5.05
C THR A 343 -7.80 6.16 -5.29
N ALA A 344 -7.78 5.22 -4.34
CA ALA A 344 -8.67 4.05 -4.29
C ALA A 344 -10.14 4.53 -4.30
N ALA A 345 -10.42 5.73 -3.79
CA ALA A 345 -11.78 6.31 -3.65
C ALA A 345 -12.31 6.75 -5.02
N ASP A 346 -11.44 7.01 -6.00
CA ASP A 346 -11.80 7.69 -7.25
C ASP A 346 -12.16 6.66 -8.33
N VAL A 347 -11.78 5.38 -8.16
CA VAL A 347 -11.77 4.38 -9.27
C VAL A 347 -12.25 3.02 -8.79
N MET A 348 -12.95 2.28 -9.67
CA MET A 348 -13.28 0.85 -9.47
C MET A 348 -12.07 0.02 -9.89
N PRO A 349 -11.44 -0.70 -8.94
CA PRO A 349 -10.36 -1.62 -9.29
C PRO A 349 -10.95 -2.73 -10.14
N LYS A 350 -10.11 -3.40 -10.92
CA LYS A 350 -10.50 -4.42 -11.90
C LYS A 350 -9.91 -5.73 -11.40
N PHE A 351 -10.74 -6.75 -11.21
CA PHE A 351 -10.29 -8.09 -10.74
C PHE A 351 -9.15 -8.55 -11.63
N VAL A 352 -8.03 -8.97 -11.04
CA VAL A 352 -6.88 -9.48 -11.84
C VAL A 352 -6.92 -11.00 -11.86
N ARG A 353 -6.79 -11.58 -13.05
CA ARG A 353 -7.01 -13.03 -13.33
C ARG A 353 -5.67 -13.71 -13.64
#